data_3II5
#
_entry.id   3II5
#
_cell.length_a   110.219
_cell.length_b   110.219
_cell.length_c   148.468
_cell.angle_alpha   90.00
_cell.angle_beta   90.00
_cell.angle_gamma   90.00
#
_symmetry.space_group_name_H-M   'P 41 21 2'
#
loop_
_entity.id
_entity.type
_entity.pdbx_description
1 polymer 'B-Raf proto-oncogene serine/threonine-protein kinase'
2 non-polymer N-[3-(3-{4-[(dimethylamino)methyl]phenyl}pyrazolo[1,5-a]pyrimidin-7-yl)phenyl]-3-(trifluoromethyl)benzamide
3 non-polymer 'PHOSPHATE ION'
4 water water
#
_entity_poly.entity_id   1
_entity_poly.type   'polypeptide(L)'
_entity_poly.pdbx_seq_one_letter_code
;MDRGSHHHHHHSEDRNRMKTLGRRDSSDDWEIPDGQITVGQRIGSGSFGTVYKGKWHGDVAVKMLNVTAPTPQQLQAFKN
EVGVLRKTRHVNILLFMGYSTKPQLAIVTQWCEGSSLYHHLHIIETKFEMIKLIDIARQTAQGMDYLHAKSIIHRDLKSN
NIFLHEDLTVKIGDFGLATVKSRWSGSHQFEQLSGSILWMAPEVIRMQDKNPYSFQSDVYAFGIVLYELMTGQLPYSNIN
NRDQIIFMVGRGYLSPDLSKVRSNCPKAMKRLMAECLKKKRDERPLFPQILASIELLARSLPKIHR
;
_entity_poly.pdbx_strand_id   A,B
#
# COMPACT_ATOMS: atom_id res chain seq x y z
N ASP A 28 -2.46 15.19 -12.02
CA ASP A 28 -2.59 13.89 -12.66
C ASP A 28 -4.06 13.51 -12.80
N ASP A 29 -4.33 12.41 -13.51
CA ASP A 29 -5.71 12.00 -13.74
C ASP A 29 -6.04 10.64 -13.15
N TRP A 30 -6.88 10.66 -12.11
CA TRP A 30 -7.27 9.44 -11.43
C TRP A 30 -8.65 8.95 -11.85
N GLU A 31 -9.16 9.51 -12.93
CA GLU A 31 -10.42 9.04 -13.47
C GLU A 31 -10.21 7.71 -14.18
N ILE A 32 -11.18 6.81 -14.02
CA ILE A 32 -11.12 5.50 -14.64
C ILE A 32 -12.31 5.33 -15.58
N PRO A 33 -12.04 5.30 -16.89
CA PRO A 33 -13.12 5.14 -17.88
C PRO A 33 -13.96 3.92 -17.56
N ASP A 34 -15.25 4.00 -17.88
CA ASP A 34 -16.14 2.85 -17.70
C ASP A 34 -15.64 1.72 -18.60
N GLY A 35 -16.04 0.50 -18.28
CA GLY A 35 -15.62 -0.66 -19.05
C GLY A 35 -14.39 -1.31 -18.46
N GLN A 36 -13.43 -0.49 -18.04
CA GLN A 36 -12.18 -1.00 -17.48
C GLN A 36 -12.38 -1.91 -16.27
N ILE A 37 -13.28 -1.51 -15.37
CA ILE A 37 -13.51 -2.27 -14.15
C ILE A 37 -14.56 -3.34 -14.32
N THR A 38 -14.22 -4.56 -13.91
CA THR A 38 -15.18 -5.66 -13.93
C THR A 38 -15.74 -5.87 -12.53
N VAL A 39 -16.97 -5.41 -12.32
CA VAL A 39 -17.61 -5.53 -11.03
C VAL A 39 -18.01 -6.97 -10.72
N GLY A 40 -17.75 -7.41 -9.50
CA GLY A 40 -18.07 -8.77 -9.11
C GLY A 40 -18.99 -8.84 -7.90
N GLN A 41 -18.65 -9.73 -6.99
CA GLN A 41 -19.42 -9.99 -5.77
C GLN A 41 -19.71 -8.71 -4.98
N ARG A 42 -20.97 -8.55 -4.57
CA ARG A 42 -21.32 -7.47 -3.63
C ARG A 42 -20.81 -7.84 -2.24
N ILE A 43 -20.21 -6.89 -1.54
CA ILE A 43 -19.64 -7.20 -0.22
C ILE A 43 -20.18 -6.34 0.93
N GLY A 44 -20.87 -5.25 0.60
CA GLY A 44 -21.40 -4.36 1.61
C GLY A 44 -22.50 -3.44 1.12
N SER A 45 -23.62 -3.42 1.82
CA SER A 45 -24.76 -2.57 1.46
C SER A 45 -24.98 -1.48 2.50
N GLY A 46 -25.34 -0.29 2.05
CA GLY A 46 -25.59 0.81 2.94
C GLY A 46 -26.67 1.73 2.39
N SER A 47 -27.05 2.72 3.18
CA SER A 47 -28.11 3.65 2.80
C SER A 47 -27.72 4.43 1.55
N PHE A 48 -26.50 4.97 1.57
CA PHE A 48 -25.99 5.77 0.47
C PHE A 48 -24.80 5.09 -0.19
N GLY A 49 -25.05 4.10 -1.04
CA GLY A 49 -23.99 3.45 -1.78
C GLY A 49 -23.66 2.02 -1.37
N THR A 50 -23.16 1.24 -2.34
CA THR A 50 -22.86 -0.18 -2.15
C THR A 50 -21.43 -0.48 -2.58
N VAL A 51 -20.76 -1.39 -1.87
CA VAL A 51 -19.37 -1.74 -2.20
C VAL A 51 -19.23 -3.16 -2.76
N TYR A 52 -18.55 -3.28 -3.91
CA TYR A 52 -18.31 -4.56 -4.54
C TYR A 52 -16.82 -4.89 -4.58
N LYS A 53 -16.51 -6.16 -4.77
CA LYS A 53 -15.15 -6.55 -5.16
C LYS A 53 -15.07 -6.45 -6.67
N GLY A 54 -13.94 -5.99 -7.18
CA GLY A 54 -13.82 -5.75 -8.61
C GLY A 54 -12.51 -6.21 -9.18
N LYS A 55 -12.44 -6.15 -10.51
CA LYS A 55 -11.22 -6.49 -11.25
C LYS A 55 -10.70 -5.26 -11.96
N TRP A 56 -9.44 -4.94 -11.72
CA TRP A 56 -8.79 -3.82 -12.38
C TRP A 56 -7.30 -3.89 -12.12
N HIS A 57 -6.56 -4.44 -13.08
CA HIS A 57 -5.13 -4.64 -12.93
C HIS A 57 -4.88 -5.35 -11.61
N GLY A 58 -5.73 -6.32 -11.30
CA GLY A 58 -5.71 -7.00 -10.02
C GLY A 58 -7.03 -6.78 -9.29
N ASP A 59 -7.02 -7.03 -7.98
CA ASP A 59 -8.23 -6.88 -7.19
C ASP A 59 -8.39 -5.46 -6.67
N VAL A 60 -9.61 -4.96 -6.76
CA VAL A 60 -9.94 -3.64 -6.24
C VAL A 60 -11.23 -3.71 -5.42
N ALA A 61 -11.42 -2.75 -4.54
CA ALA A 61 -12.71 -2.55 -3.91
C ALA A 61 -13.36 -1.35 -4.60
N VAL A 62 -14.66 -1.44 -4.87
CA VAL A 62 -15.37 -0.37 -5.56
C VAL A 62 -16.62 0.04 -4.81
N LYS A 63 -16.62 1.25 -4.25
CA LYS A 63 -17.79 1.80 -3.59
C LYS A 63 -18.63 2.59 -4.60
N MET A 64 -19.84 2.11 -4.86
CA MET A 64 -20.72 2.73 -5.85
C MET A 64 -21.73 3.65 -5.17
N LEU A 65 -22.54 4.35 -5.95
CA LEU A 65 -23.57 5.21 -5.38
C LEU A 65 -24.96 4.63 -5.59
N ASN A 66 -25.14 3.90 -6.68
CA ASN A 66 -26.40 3.20 -6.97
C ASN A 66 -27.54 4.14 -7.39
N VAL A 67 -27.70 5.24 -6.67
CA VAL A 67 -28.66 6.27 -7.07
C VAL A 67 -28.26 6.79 -8.45
N THR A 68 -29.13 6.59 -9.43
CA THR A 68 -28.83 6.89 -10.83
C THR A 68 -28.76 8.40 -11.14
N ALA A 69 -29.69 9.15 -10.58
CA ALA A 69 -29.68 10.61 -10.72
C ALA A 69 -29.18 11.26 -9.44
N PRO A 70 -27.94 11.77 -9.47
CA PRO A 70 -27.29 12.32 -8.28
C PRO A 70 -27.65 13.78 -8.06
N THR A 71 -28.10 14.11 -6.85
CA THR A 71 -28.34 15.51 -6.52
C THR A 71 -27.01 16.20 -6.27
N PRO A 72 -26.95 17.50 -6.62
CA PRO A 72 -25.77 18.33 -6.35
C PRO A 72 -25.29 18.19 -4.91
N GLN A 73 -26.15 17.65 -4.05
CA GLN A 73 -25.79 17.36 -2.66
C GLN A 73 -24.78 16.24 -2.60
N GLN A 74 -25.10 15.14 -3.29
CA GLN A 74 -24.28 13.94 -3.28
C GLN A 74 -23.06 14.10 -4.18
N LEU A 75 -23.26 14.79 -5.30
CA LEU A 75 -22.18 15.07 -6.24
C LEU A 75 -21.09 15.88 -5.57
N GLN A 76 -21.47 16.67 -4.57
CA GLN A 76 -20.51 17.45 -3.82
C GLN A 76 -19.69 16.55 -2.88
N ALA A 77 -20.39 15.79 -2.04
CA ALA A 77 -19.74 14.92 -1.06
C ALA A 77 -18.81 13.93 -1.73
N PHE A 78 -19.14 13.56 -2.97
CA PHE A 78 -18.28 12.72 -3.78
C PHE A 78 -16.94 13.40 -4.02
N LYS A 79 -16.98 14.63 -4.52
CA LYS A 79 -15.77 15.39 -4.77
C LYS A 79 -14.96 15.54 -3.50
N ASN A 80 -15.64 15.86 -2.41
CA ASN A 80 -14.98 16.10 -1.13
C ASN A 80 -14.23 14.88 -0.62
N GLU A 81 -14.86 13.71 -0.70
CA GLU A 81 -14.22 12.47 -0.28
C GLU A 81 -13.00 12.18 -1.15
N VAL A 82 -13.20 12.19 -2.46
CA VAL A 82 -12.11 11.97 -3.40
C VAL A 82 -10.96 12.93 -3.14
N GLY A 83 -11.30 14.20 -2.92
CA GLY A 83 -10.32 15.23 -2.66
C GLY A 83 -9.46 14.94 -1.45
N VAL A 84 -10.07 14.34 -0.43
CA VAL A 84 -9.36 13.99 0.80
C VAL A 84 -8.49 12.77 0.55
N LEU A 85 -9.06 11.77 -0.13
CA LEU A 85 -8.33 10.53 -0.40
C LEU A 85 -7.08 10.75 -1.23
N ARG A 86 -7.17 11.54 -2.30
CA ARG A 86 -6.01 11.75 -3.15
C ARG A 86 -4.86 12.49 -2.45
N LYS A 87 -5.13 13.05 -1.28
CA LYS A 87 -4.09 13.68 -0.48
C LYS A 87 -3.28 12.66 0.31
N THR A 88 -3.70 11.40 0.25
CA THR A 88 -3.11 10.40 1.13
C THR A 88 -2.13 9.44 0.44
N ARG A 89 -0.93 9.35 0.99
CA ARG A 89 0.06 8.37 0.55
C ARG A 89 0.80 7.81 1.75
N HIS A 90 0.20 6.81 2.38
CA HIS A 90 0.77 6.20 3.58
C HIS A 90 0.33 4.74 3.65
N VAL A 91 1.22 3.86 4.11
CA VAL A 91 0.91 2.43 4.13
C VAL A 91 -0.18 2.10 5.12
N ASN A 92 -0.36 2.96 6.11
CA ASN A 92 -1.36 2.70 7.13
C ASN A 92 -2.69 3.40 6.83
N ILE A 93 -2.77 3.98 5.64
CA ILE A 93 -4.03 4.55 5.17
C ILE A 93 -4.51 3.76 3.95
N LEU A 94 -5.78 3.40 3.95
CA LEU A 94 -6.36 2.70 2.80
C LEU A 94 -5.92 3.38 1.52
N LEU A 95 -5.43 2.60 0.57
CA LEU A 95 -4.89 3.17 -0.65
C LEU A 95 -5.96 3.52 -1.67
N PHE A 96 -6.16 4.82 -1.87
CA PHE A 96 -7.01 5.32 -2.94
C PHE A 96 -6.36 4.98 -4.27
N MET A 97 -7.17 4.64 -5.27
CA MET A 97 -6.63 4.23 -6.57
C MET A 97 -7.26 4.94 -7.75
N GLY A 98 -8.51 5.36 -7.59
CA GLY A 98 -9.20 6.05 -8.67
C GLY A 98 -10.67 6.18 -8.40
N TYR A 99 -11.37 6.84 -9.32
CA TYR A 99 -12.81 7.04 -9.23
C TYR A 99 -13.35 7.09 -10.64
N SER A 100 -14.67 7.11 -10.76
CA SER A 100 -15.30 7.34 -12.05
C SER A 100 -16.68 7.95 -11.83
N THR A 101 -17.18 8.61 -12.87
CA THR A 101 -18.46 9.29 -12.81
C THR A 101 -19.33 8.75 -13.92
N LYS A 102 -18.71 7.98 -14.81
CA LYS A 102 -19.36 7.51 -16.03
C LYS A 102 -20.85 7.13 -15.85
N PRO A 103 -21.15 5.91 -15.38
CA PRO A 103 -22.58 5.58 -15.25
C PRO A 103 -23.09 5.84 -13.84
N GLN A 104 -22.24 5.52 -12.86
CA GLN A 104 -22.51 5.78 -11.46
C GLN A 104 -21.28 6.41 -10.85
N LEU A 105 -21.47 7.21 -9.82
CA LEU A 105 -20.33 7.72 -9.06
C LEU A 105 -19.68 6.52 -8.38
N ALA A 106 -18.36 6.43 -8.46
CA ALA A 106 -17.66 5.30 -7.88
C ALA A 106 -16.26 5.69 -7.43
N ILE A 107 -15.85 5.15 -6.29
CA ILE A 107 -14.48 5.31 -5.82
C ILE A 107 -13.82 3.96 -5.64
N VAL A 108 -12.61 3.84 -6.17
CA VAL A 108 -11.90 2.57 -6.22
C VAL A 108 -10.71 2.61 -5.28
N THR A 109 -10.57 1.56 -4.47
CA THR A 109 -9.43 1.46 -3.58
C THR A 109 -8.79 0.10 -3.66
N GLN A 110 -7.57 0.03 -3.15
CA GLN A 110 -6.89 -1.20 -2.85
C GLN A 110 -7.87 -2.21 -2.24
N TRP A 111 -7.69 -3.49 -2.58
CA TRP A 111 -8.54 -4.55 -2.03
C TRP A 111 -7.96 -5.11 -0.74
N CYS A 112 -8.71 -5.01 0.35
CA CYS A 112 -8.23 -5.50 1.65
C CYS A 112 -8.65 -6.94 1.89
N GLU A 113 -7.67 -7.82 2.07
CA GLU A 113 -7.93 -9.21 2.39
C GLU A 113 -7.80 -9.43 3.91
N GLY A 114 -8.90 -9.85 4.54
CA GLY A 114 -8.91 -10.06 5.97
C GLY A 114 -10.18 -9.56 6.65
N SER A 115 -10.02 -8.92 7.81
CA SER A 115 -11.14 -8.43 8.59
C SER A 115 -10.82 -7.13 9.35
N SER A 116 -11.85 -6.39 9.72
CA SER A 116 -11.68 -5.19 10.53
C SER A 116 -11.24 -5.60 11.92
N LEU A 117 -10.67 -4.64 12.67
CA LEU A 117 -10.22 -4.92 14.02
C LEU A 117 -11.41 -5.27 14.91
N TYR A 118 -12.50 -4.54 14.73
CA TYR A 118 -13.74 -4.79 15.43
C TYR A 118 -14.12 -6.26 15.33
N HIS A 119 -14.06 -6.77 14.10
CA HIS A 119 -14.43 -8.13 13.80
C HIS A 119 -13.58 -9.12 14.59
N HIS A 120 -12.27 -8.96 14.49
CA HIS A 120 -11.35 -9.80 15.24
C HIS A 120 -11.64 -9.76 16.74
N LEU A 121 -11.85 -8.56 17.26
CA LEU A 121 -11.95 -8.35 18.70
C LEU A 121 -13.27 -8.80 19.33
N HIS A 122 -14.38 -8.49 18.68
CA HIS A 122 -15.68 -8.66 19.31
C HIS A 122 -16.61 -9.61 18.57
N ILE A 123 -16.15 -10.20 17.49
CA ILE A 123 -17.01 -11.11 16.76
C ILE A 123 -16.44 -12.51 16.70
N ILE A 124 -15.19 -12.64 16.28
CA ILE A 124 -14.53 -13.93 16.26
C ILE A 124 -13.49 -14.02 17.37
N GLU A 125 -13.47 -12.99 18.21
CA GLU A 125 -12.59 -12.93 19.38
C GLU A 125 -11.20 -13.55 19.21
N THR A 126 -10.55 -13.20 18.11
CA THR A 126 -9.15 -13.55 17.88
C THR A 126 -8.30 -13.14 19.07
N LYS A 127 -7.48 -14.05 19.57
CA LYS A 127 -6.59 -13.72 20.68
C LYS A 127 -5.19 -13.35 20.20
N PHE A 128 -4.91 -12.05 20.13
CA PHE A 128 -3.60 -11.57 19.72
C PHE A 128 -2.63 -11.60 20.89
N GLU A 129 -1.35 -11.78 20.60
CA GLU A 129 -0.32 -11.70 21.61
C GLU A 129 -0.07 -10.24 21.97
N MET A 130 0.39 -10.00 23.19
CA MET A 130 0.58 -8.63 23.67
C MET A 130 1.50 -7.83 22.76
N ILE A 131 2.50 -8.50 22.19
CA ILE A 131 3.41 -7.83 21.27
C ILE A 131 2.67 -7.37 20.01
N LYS A 132 1.73 -8.20 19.57
CA LYS A 132 0.97 -7.94 18.35
C LYS A 132 -0.07 -6.84 18.58
N LEU A 133 -0.68 -6.86 19.75
CA LEU A 133 -1.63 -5.83 20.12
C LEU A 133 -0.95 -4.47 20.13
N ILE A 134 0.19 -4.39 20.81
CA ILE A 134 0.94 -3.13 20.87
C ILE A 134 1.29 -2.66 19.47
N ASP A 135 1.69 -3.60 18.62
CA ASP A 135 2.04 -3.31 17.25
C ASP A 135 0.87 -2.64 16.51
N ILE A 136 -0.29 -3.28 16.56
CA ILE A 136 -1.50 -2.74 15.94
C ILE A 136 -1.80 -1.33 16.42
N ALA A 137 -1.49 -1.05 17.68
CA ALA A 137 -1.70 0.28 18.22
C ALA A 137 -0.74 1.25 17.57
N ARG A 138 0.52 0.84 17.44
CA ARG A 138 1.55 1.68 16.84
C ARG A 138 1.24 2.06 15.41
N GLN A 139 0.83 1.08 14.61
CA GLN A 139 0.47 1.34 13.23
C GLN A 139 -0.71 2.29 13.13
N THR A 140 -1.65 2.15 14.06
CA THR A 140 -2.81 3.02 14.06
C THR A 140 -2.37 4.44 14.36
N ALA A 141 -1.48 4.59 15.33
CA ALA A 141 -0.93 5.90 15.66
C ALA A 141 -0.23 6.52 14.44
N GLN A 142 0.61 5.72 13.79
CA GLN A 142 1.32 6.17 12.59
C GLN A 142 0.41 6.81 11.57
N GLY A 143 -0.60 6.07 11.14
CA GLY A 143 -1.57 6.58 10.19
C GLY A 143 -2.19 7.87 10.68
N MET A 144 -2.65 7.88 11.93
CA MET A 144 -3.32 9.04 12.50
C MET A 144 -2.38 10.23 12.61
N ASP A 145 -1.12 9.97 12.92
CA ASP A 145 -0.12 11.01 12.90
C ASP A 145 -0.12 11.63 11.51
N TYR A 146 0.03 10.77 10.51
CA TYR A 146 0.05 11.20 9.12
C TYR A 146 -1.19 12.01 8.75
N LEU A 147 -2.37 11.52 9.12
CA LEU A 147 -3.61 12.19 8.75
C LEU A 147 -3.68 13.61 9.30
N HIS A 148 -3.25 13.77 10.55
CA HIS A 148 -3.29 15.07 11.20
C HIS A 148 -2.23 15.99 10.59
N ALA A 149 -1.06 15.42 10.31
CA ALA A 149 0.04 16.17 9.69
C ALA A 149 -0.36 16.72 8.33
N LYS A 150 -1.32 16.06 7.69
CA LYS A 150 -1.82 16.47 6.39
C LYS A 150 -3.10 17.30 6.61
N SER A 151 -3.32 17.68 7.86
CA SER A 151 -4.48 18.52 8.25
C SER A 151 -5.84 17.84 8.05
N ILE A 152 -5.90 16.55 8.33
CA ILE A 152 -7.12 15.77 8.15
C ILE A 152 -7.63 15.21 9.48
N ILE A 153 -8.82 15.66 9.89
CA ILE A 153 -9.46 15.14 11.08
C ILE A 153 -10.45 14.06 10.68
N HIS A 154 -10.19 12.83 11.12
CA HIS A 154 -10.99 11.68 10.72
C HIS A 154 -12.45 11.82 11.14
N ARG A 155 -12.66 12.04 12.44
CA ARG A 155 -13.98 12.30 13.01
C ARG A 155 -14.81 11.05 13.32
N ASP A 156 -14.31 9.88 12.93
CA ASP A 156 -15.04 8.66 13.17
C ASP A 156 -14.11 7.46 13.28
N LEU A 157 -12.96 7.68 13.90
CA LEU A 157 -12.04 6.59 14.18
C LEU A 157 -12.74 5.61 15.11
N LYS A 158 -12.53 4.32 14.87
CA LYS A 158 -13.07 3.25 15.69
C LYS A 158 -12.64 1.91 15.12
N SER A 159 -12.70 0.86 15.92
CA SER A 159 -12.19 -0.45 15.50
C SER A 159 -12.82 -0.93 14.18
N ASN A 160 -14.02 -0.47 13.87
CA ASN A 160 -14.66 -0.80 12.61
C ASN A 160 -13.89 -0.26 11.41
N ASN A 161 -13.32 0.93 11.56
CA ASN A 161 -12.62 1.62 10.48
C ASN A 161 -11.11 1.36 10.47
N ILE A 162 -10.71 0.26 11.11
CA ILE A 162 -9.32 -0.18 11.09
C ILE A 162 -9.24 -1.59 10.54
N PHE A 163 -8.72 -1.73 9.33
CA PHE A 163 -8.61 -3.04 8.70
C PHE A 163 -7.25 -3.69 8.96
N LEU A 164 -7.27 -4.97 9.31
CA LEU A 164 -6.06 -5.75 9.46
C LEU A 164 -5.77 -6.47 8.16
N HIS A 165 -5.12 -5.76 7.24
CA HIS A 165 -4.81 -6.31 5.93
C HIS A 165 -3.93 -7.55 6.07
N GLU A 166 -4.49 -8.71 5.70
CA GLU A 166 -3.78 -9.98 5.81
C GLU A 166 -3.26 -10.23 7.23
N ASP A 167 -4.03 -9.81 8.22
CA ASP A 167 -3.68 -10.00 9.61
C ASP A 167 -2.31 -9.45 9.95
N LEU A 168 -1.89 -8.36 9.29
CA LEU A 168 -0.55 -7.83 9.50
C LEU A 168 -0.50 -6.30 9.45
N THR A 169 -0.90 -5.75 8.31
CA THR A 169 -0.80 -4.32 8.07
C THR A 169 -2.11 -3.59 8.40
N VAL A 170 -2.03 -2.62 9.30
CA VAL A 170 -3.17 -1.77 9.61
C VAL A 170 -3.48 -0.81 8.46
N LYS A 171 -4.73 -0.82 8.02
CA LYS A 171 -5.20 0.15 7.03
C LYS A 171 -6.35 0.95 7.64
N ILE A 172 -6.15 2.25 7.84
CA ILE A 172 -7.24 3.09 8.30
C ILE A 172 -8.07 3.56 7.12
N GLY A 173 -9.38 3.60 7.29
CA GLY A 173 -10.27 4.13 6.28
C GLY A 173 -11.57 4.61 6.90
N ASP A 174 -12.57 4.87 6.08
CA ASP A 174 -13.92 5.12 6.58
C ASP A 174 -14.90 4.20 5.87
N PHE A 175 -15.26 3.12 6.55
CA PHE A 175 -16.03 2.04 5.92
C PHE A 175 -17.52 2.11 6.20
N GLY A 176 -17.98 3.24 6.72
CA GLY A 176 -19.39 3.42 6.99
C GLY A 176 -20.16 3.74 5.73
N LEU A 177 -21.27 3.03 5.52
CA LEU A 177 -22.09 3.27 4.34
C LEU A 177 -23.33 4.12 4.66
N ALA A 178 -23.24 4.85 5.76
CA ALA A 178 -24.36 5.66 6.26
C ALA A 178 -24.09 7.18 6.29
N THR A 179 -23.39 7.63 7.33
CA THR A 179 -23.27 9.05 7.69
C THR A 179 -23.02 10.10 6.57
N VAL A 180 -23.79 11.18 6.61
CA VAL A 180 -23.60 12.33 5.70
C VAL A 180 -23.68 13.65 6.49
N GLN A 192 -24.34 13.16 9.51
CA GLN A 192 -24.33 12.78 10.93
C GLN A 192 -24.89 11.37 11.14
N LEU A 193 -26.09 11.12 10.61
CA LEU A 193 -26.72 9.80 10.66
C LEU A 193 -26.96 9.30 12.07
N SER A 194 -26.05 8.47 12.57
CA SER A 194 -26.25 7.88 13.87
C SER A 194 -25.08 8.33 14.72
N GLY A 195 -23.99 7.60 14.58
CA GLY A 195 -22.83 7.83 15.41
C GLY A 195 -22.72 6.58 16.25
N SER A 196 -21.50 6.07 16.40
CA SER A 196 -21.29 5.10 17.44
C SER A 196 -20.63 6.01 18.46
N ILE A 197 -21.33 6.18 19.58
CA ILE A 197 -20.97 7.15 20.58
C ILE A 197 -19.92 6.62 21.52
N LEU A 198 -19.57 5.34 21.38
CA LEU A 198 -18.57 4.74 22.27
C LEU A 198 -17.20 5.40 22.11
N TRP A 199 -16.91 5.89 20.89
CA TRP A 199 -15.60 6.49 20.61
C TRP A 199 -15.67 8.01 20.67
N MET A 200 -16.85 8.53 20.95
CA MET A 200 -17.11 9.95 20.91
C MET A 200 -16.64 10.65 22.19
N ALA A 201 -15.83 11.68 22.05
CA ALA A 201 -15.33 12.43 23.20
C ALA A 201 -16.43 13.30 23.83
N PRO A 202 -16.33 13.51 25.16
CA PRO A 202 -17.29 14.31 25.91
C PRO A 202 -17.76 15.59 25.20
N GLU A 203 -16.84 16.34 24.60
CA GLU A 203 -17.20 17.58 23.93
C GLU A 203 -18.04 17.37 22.67
N VAL A 204 -17.83 16.24 22.01
CA VAL A 204 -18.59 15.92 20.80
C VAL A 204 -19.98 15.46 21.22
N ILE A 205 -20.03 14.64 22.25
CA ILE A 205 -21.28 14.21 22.87
C ILE A 205 -22.11 15.42 23.33
N ARG A 206 -21.46 16.54 23.60
CA ARG A 206 -22.13 17.69 24.24
C ARG A 206 -22.54 18.82 23.27
N MET A 207 -22.14 18.70 22.02
CA MET A 207 -22.43 19.70 20.99
C MET A 207 -22.52 21.18 21.44
N GLN A 208 -21.47 21.70 22.06
CA GLN A 208 -21.31 23.13 22.23
C GLN A 208 -20.25 23.55 21.22
N ASP A 209 -20.52 24.61 20.45
CA ASP A 209 -19.76 24.95 19.26
C ASP A 209 -20.31 24.15 18.08
N LYS A 210 -20.28 24.76 16.89
CA LYS A 210 -20.66 24.06 15.68
C LYS A 210 -19.65 22.94 15.43
N ASN A 211 -18.37 23.27 15.60
CA ASN A 211 -17.31 22.29 15.41
C ASN A 211 -16.56 21.95 16.70
N PRO A 212 -16.96 20.84 17.33
CA PRO A 212 -16.35 20.26 18.52
C PRO A 212 -15.24 19.28 18.16
N TYR A 213 -15.13 18.93 16.87
CA TYR A 213 -14.13 17.98 16.42
C TYR A 213 -12.74 18.63 16.35
N SER A 214 -11.73 17.88 16.74
CA SER A 214 -10.38 18.38 16.80
C SER A 214 -9.39 17.22 16.79
N PHE A 215 -8.09 17.53 16.88
CA PHE A 215 -7.11 16.46 16.94
C PHE A 215 -7.26 15.69 18.24
N GLN A 216 -7.67 16.39 19.29
CA GLN A 216 -7.84 15.72 20.57
C GLN A 216 -9.09 14.84 20.58
N SER A 217 -10.15 15.26 19.90
CA SER A 217 -11.33 14.41 19.80
C SER A 217 -10.96 13.10 19.10
N ASP A 218 -10.07 13.17 18.10
CA ASP A 218 -9.55 11.97 17.44
C ASP A 218 -8.67 11.20 18.40
N VAL A 219 -7.95 11.91 19.25
CA VAL A 219 -7.10 11.24 20.24
C VAL A 219 -7.95 10.48 21.24
N TYR A 220 -9.19 10.91 21.42
CA TYR A 220 -10.10 10.25 22.35
C TYR A 220 -10.62 8.95 21.76
N ALA A 221 -11.07 9.01 20.52
CA ALA A 221 -11.51 7.80 19.82
C ALA A 221 -10.41 6.76 19.86
N PHE A 222 -9.18 7.21 19.63
CA PHE A 222 -8.01 6.34 19.66
C PHE A 222 -7.83 5.77 21.07
N GLY A 223 -8.14 6.58 22.07
CA GLY A 223 -8.07 6.14 23.44
C GLY A 223 -9.01 4.98 23.68
N ILE A 224 -10.18 5.04 23.05
CA ILE A 224 -11.14 3.94 23.15
C ILE A 224 -10.63 2.72 22.41
N VAL A 225 -9.99 2.92 21.26
CA VAL A 225 -9.43 1.81 20.50
C VAL A 225 -8.41 1.06 21.34
N LEU A 226 -7.53 1.81 22.01
CA LEU A 226 -6.59 1.22 22.96
C LEU A 226 -7.33 0.37 23.98
N TYR A 227 -8.42 0.91 24.52
CA TYR A 227 -9.25 0.18 25.47
C TYR A 227 -9.65 -1.17 24.90
N GLU A 228 -10.19 -1.17 23.68
CA GLU A 228 -10.60 -2.41 23.04
C GLU A 228 -9.45 -3.39 22.92
N LEU A 229 -8.28 -2.88 22.58
CA LEU A 229 -7.10 -3.71 22.41
C LEU A 229 -6.69 -4.36 23.73
N MET A 230 -6.74 -3.59 24.80
CA MET A 230 -6.19 -4.04 26.07
C MET A 230 -7.18 -4.78 26.98
N THR A 231 -8.44 -4.86 26.56
CA THR A 231 -9.45 -5.58 27.32
C THR A 231 -10.15 -6.60 26.44
N GLY A 232 -10.20 -6.31 25.15
CA GLY A 232 -10.88 -7.16 24.19
C GLY A 232 -12.36 -6.84 24.20
N GLN A 233 -12.71 -5.74 24.87
CA GLN A 233 -14.11 -5.42 25.10
C GLN A 233 -14.49 -4.02 24.68
N LEU A 234 -15.78 -3.81 24.49
CA LEU A 234 -16.34 -2.49 24.25
C LEU A 234 -16.68 -1.81 25.56
N PRO A 235 -16.47 -0.48 25.63
CA PRO A 235 -16.81 0.28 26.84
C PRO A 235 -18.30 0.19 27.15
N TYR A 236 -18.63 0.15 28.44
CA TYR A 236 -20.02 0.22 28.89
C TYR A 236 -20.85 -0.96 28.39
N SER A 237 -20.24 -2.13 28.37
CA SER A 237 -20.93 -3.35 27.97
C SER A 237 -22.16 -3.61 28.84
N ASN A 238 -22.11 -3.15 30.09
CA ASN A 238 -23.16 -3.45 31.08
C ASN A 238 -24.28 -2.42 31.17
N ILE A 239 -24.25 -1.44 30.27
CA ILE A 239 -25.32 -0.44 30.19
C ILE A 239 -26.09 -0.61 28.90
N ASN A 240 -27.40 -0.82 29.00
CA ASN A 240 -28.20 -1.14 27.82
C ASN A 240 -29.05 0.01 27.28
N ASN A 241 -28.75 1.23 27.72
CA ASN A 241 -29.52 2.40 27.29
C ASN A 241 -28.65 3.50 26.68
N ARG A 242 -28.80 3.69 25.37
CA ARG A 242 -27.96 4.60 24.60
C ARG A 242 -28.08 6.06 25.07
N ASP A 243 -29.29 6.48 25.41
CA ASP A 243 -29.51 7.86 25.86
C ASP A 243 -28.80 8.15 27.17
N GLN A 244 -28.71 7.15 28.04
CA GLN A 244 -28.07 7.32 29.33
C GLN A 244 -26.54 7.35 29.22
N ILE A 245 -26.00 6.58 28.29
CA ILE A 245 -24.57 6.62 28.03
C ILE A 245 -24.18 8.00 27.52
N ILE A 246 -24.98 8.52 26.59
CA ILE A 246 -24.76 9.84 26.03
C ILE A 246 -24.82 10.90 27.12
N PHE A 247 -25.93 10.91 27.86
CA PHE A 247 -26.09 11.84 28.97
C PHE A 247 -24.95 11.74 29.98
N MET A 248 -24.64 10.52 30.41
CA MET A 248 -23.65 10.34 31.46
C MET A 248 -22.21 10.62 31.03
N VAL A 249 -21.88 10.28 29.80
CA VAL A 249 -20.52 10.54 29.32
C VAL A 249 -20.29 12.04 29.17
N GLY A 250 -21.28 12.74 28.62
CA GLY A 250 -21.17 14.17 28.37
C GLY A 250 -21.21 14.98 29.64
N ARG A 251 -21.88 14.46 30.67
CA ARG A 251 -21.98 15.15 31.94
C ARG A 251 -20.79 14.77 32.83
N GLY A 252 -20.01 13.78 32.39
CA GLY A 252 -18.78 13.39 33.07
C GLY A 252 -18.92 12.27 34.09
N TYR A 253 -20.15 11.77 34.28
CA TYR A 253 -20.40 10.76 35.30
C TYR A 253 -19.84 9.39 34.95
N LEU A 254 -19.66 9.16 33.65
CA LEU A 254 -19.27 7.84 33.17
C LEU A 254 -17.96 7.88 32.40
N SER A 255 -17.14 6.86 32.58
CA SER A 255 -15.88 6.74 31.87
C SER A 255 -15.46 5.28 31.85
N PRO A 256 -14.75 4.85 30.78
CA PRO A 256 -14.37 3.45 30.64
C PRO A 256 -13.80 2.88 31.93
N ASP A 257 -14.16 1.64 32.24
CA ASP A 257 -13.63 0.95 33.41
C ASP A 257 -12.21 0.49 33.15
N LEU A 258 -11.23 1.29 33.58
CA LEU A 258 -9.83 1.03 33.27
C LEU A 258 -9.27 -0.21 33.96
N SER A 259 -10.00 -0.73 34.94
CA SER A 259 -9.53 -1.87 35.71
C SER A 259 -9.72 -3.18 34.96
N LYS A 260 -10.25 -3.13 33.74
CA LYS A 260 -10.49 -4.33 32.95
C LYS A 260 -9.32 -4.65 32.04
N VAL A 261 -8.26 -3.84 32.13
CA VAL A 261 -7.07 -4.05 31.32
C VAL A 261 -6.32 -5.30 31.76
N ARG A 262 -5.99 -6.15 30.79
CA ARG A 262 -5.27 -7.39 31.05
C ARG A 262 -4.02 -7.14 31.91
N SER A 263 -3.65 -8.14 32.70
CA SER A 263 -2.51 -8.01 33.60
C SER A 263 -1.19 -7.81 32.84
N ASN A 264 -1.04 -8.54 31.74
CA ASN A 264 0.19 -8.47 30.96
C ASN A 264 0.35 -7.15 30.20
N CYS A 265 -0.58 -6.23 30.39
CA CYS A 265 -0.52 -4.93 29.75
C CYS A 265 0.42 -3.99 30.51
N PRO A 266 1.47 -3.50 29.83
CA PRO A 266 2.54 -2.66 30.40
C PRO A 266 2.03 -1.36 31.01
N LYS A 267 2.57 -1.01 32.18
CA LYS A 267 2.15 0.20 32.89
C LYS A 267 2.18 1.45 32.00
N ALA A 268 3.24 1.59 31.22
CA ALA A 268 3.39 2.74 30.33
C ALA A 268 2.21 2.88 29.39
N MET A 269 1.63 1.75 29.01
CA MET A 269 0.50 1.73 28.08
C MET A 269 -0.78 2.23 28.73
N LYS A 270 -1.11 1.65 29.88
CA LYS A 270 -2.30 2.06 30.61
C LYS A 270 -2.23 3.58 30.86
N ARG A 271 -1.08 4.05 31.31
CA ARG A 271 -0.87 5.47 31.58
C ARG A 271 -1.15 6.33 30.35
N LEU A 272 -0.66 5.90 29.20
CA LEU A 272 -0.87 6.64 27.96
C LEU A 272 -2.34 6.64 27.60
N MET A 273 -2.95 5.48 27.73
CA MET A 273 -4.36 5.29 27.44
C MET A 273 -5.22 6.25 28.25
N ALA A 274 -4.86 6.41 29.52
CA ALA A 274 -5.58 7.30 30.42
C ALA A 274 -5.47 8.75 30.02
N GLU A 275 -4.31 9.16 29.53
CA GLU A 275 -4.08 10.54 29.11
C GLU A 275 -4.89 10.88 27.85
N CYS A 276 -5.13 9.86 27.03
CA CYS A 276 -5.90 10.05 25.80
C CYS A 276 -7.38 10.25 26.09
N LEU A 277 -7.85 9.66 27.18
CA LEU A 277 -9.28 9.64 27.49
C LEU A 277 -9.70 10.71 28.48
N LYS A 278 -8.81 11.66 28.75
CA LYS A 278 -9.14 12.72 29.70
C LYS A 278 -10.38 13.48 29.24
N LYS A 279 -11.30 13.67 30.19
CA LYS A 279 -12.52 14.41 29.94
C LYS A 279 -12.22 15.80 29.36
N LYS A 280 -11.13 16.41 29.81
CA LYS A 280 -10.77 17.76 29.34
C LYS A 280 -9.90 17.73 28.08
N ARG A 281 -10.43 18.30 27.02
CA ARG A 281 -9.80 18.29 25.70
C ARG A 281 -8.32 18.66 25.69
N ASP A 282 -8.01 19.86 26.18
CA ASP A 282 -6.66 20.42 26.08
C ASP A 282 -5.63 19.69 26.93
N GLU A 283 -6.08 18.65 27.64
CA GLU A 283 -5.24 17.89 28.55
C GLU A 283 -4.78 16.58 27.89
N ARG A 284 -5.21 16.37 26.64
CA ARG A 284 -4.83 15.18 25.89
C ARG A 284 -3.62 15.42 25.00
N PRO A 285 -2.76 14.40 24.87
CA PRO A 285 -1.57 14.44 24.01
C PRO A 285 -1.94 14.39 22.54
N LEU A 286 -1.00 14.78 21.67
CA LEU A 286 -1.20 14.65 20.24
C LEU A 286 -0.34 13.50 19.70
N PHE A 287 -0.51 13.17 18.43
CA PHE A 287 0.03 11.91 17.91
C PHE A 287 1.55 11.78 17.89
N PRO A 288 2.26 12.86 17.53
CA PRO A 288 3.72 12.76 17.65
C PRO A 288 4.11 12.22 19.02
N GLN A 289 3.56 12.83 20.05
CA GLN A 289 3.87 12.48 21.43
C GLN A 289 3.40 11.07 21.77
N ILE A 290 2.23 10.70 21.25
CA ILE A 290 1.65 9.38 21.46
C ILE A 290 2.48 8.33 20.77
N LEU A 291 2.73 8.56 19.49
CA LEU A 291 3.53 7.67 18.66
C LEU A 291 4.89 7.43 19.29
N ALA A 292 5.48 8.50 19.80
CA ALA A 292 6.73 8.40 20.55
C ALA A 292 6.56 7.46 21.73
N SER A 293 5.54 7.71 22.55
CA SER A 293 5.31 6.91 23.74
C SER A 293 5.16 5.43 23.43
N ILE A 294 4.51 5.10 22.32
CA ILE A 294 4.30 3.71 21.94
C ILE A 294 5.60 3.05 21.47
N GLU A 295 6.33 3.73 20.60
CA GLU A 295 7.61 3.22 20.10
C GLU A 295 8.57 2.96 21.25
N LEU A 296 8.59 3.87 22.21
CA LEU A 296 9.46 3.76 23.37
C LEU A 296 9.13 2.56 24.25
N LEU A 297 7.84 2.35 24.50
CA LEU A 297 7.42 1.26 25.38
C LEU A 297 7.41 -0.08 24.67
N ALA A 298 7.48 -0.03 23.34
CA ALA A 298 7.48 -1.25 22.54
C ALA A 298 8.82 -1.96 22.63
N ARG A 299 9.89 -1.18 22.69
CA ARG A 299 11.24 -1.74 22.62
C ARG A 299 11.64 -2.56 23.85
N SER A 300 10.86 -2.46 24.92
CA SER A 300 11.10 -3.29 26.10
C SER A 300 10.08 -4.42 26.25
N ASP B 29 -0.35 18.56 -2.79
CA ASP B 29 1.08 18.59 -3.12
C ASP B 29 1.91 17.73 -2.14
N TRP B 30 3.12 17.37 -2.57
CA TRP B 30 3.87 16.33 -1.87
C TRP B 30 5.25 16.75 -1.37
N GLU B 31 5.52 18.06 -1.34
CA GLU B 31 6.82 18.50 -0.84
C GLU B 31 6.90 18.33 0.68
N ILE B 32 8.04 17.85 1.15
CA ILE B 32 8.26 17.62 2.57
C ILE B 32 9.29 18.58 3.14
N PRO B 33 8.82 19.55 3.93
CA PRO B 33 9.66 20.56 4.59
C PRO B 33 10.87 19.92 5.26
N ASP B 34 11.99 20.64 5.31
CA ASP B 34 13.16 20.11 5.98
C ASP B 34 12.89 19.96 7.48
N GLY B 35 13.66 19.11 8.14
CA GLY B 35 13.52 18.89 9.57
C GLY B 35 12.59 17.74 9.90
N GLN B 36 11.63 17.47 9.01
CA GLN B 36 10.63 16.43 9.25
C GLN B 36 11.18 15.01 9.16
N ILE B 37 11.97 14.75 8.11
CA ILE B 37 12.53 13.42 7.89
C ILE B 37 13.80 13.22 8.71
N THR B 38 13.81 12.17 9.53
CA THR B 38 14.98 11.86 10.35
C THR B 38 15.82 10.74 9.72
N VAL B 39 16.80 11.14 8.90
CA VAL B 39 17.62 10.19 8.15
C VAL B 39 18.43 9.24 9.04
N GLY B 40 18.38 7.95 8.71
CA GLY B 40 19.04 6.93 9.51
C GLY B 40 20.25 6.28 8.84
N GLN B 41 20.31 4.95 8.93
CA GLN B 41 21.46 4.21 8.42
C GLN B 41 21.45 4.10 6.90
N ARG B 42 22.64 4.20 6.30
CA ARG B 42 22.78 4.02 4.86
C ARG B 42 22.40 2.59 4.48
N ILE B 43 21.91 2.43 3.26
CA ILE B 43 21.34 1.16 2.81
C ILE B 43 21.94 0.70 1.49
N GLY B 44 22.34 1.67 0.67
CA GLY B 44 22.92 1.38 -0.62
C GLY B 44 23.44 2.65 -1.25
N SER B 45 24.53 2.54 -2.02
CA SER B 45 25.11 3.70 -2.67
C SER B 45 25.33 3.47 -4.15
N GLY B 46 25.29 4.56 -4.92
CA GLY B 46 25.51 4.51 -6.35
C GLY B 46 25.98 5.85 -6.86
N SER B 47 26.12 5.95 -8.17
CA SER B 47 26.65 7.16 -8.79
C SER B 47 25.54 8.12 -9.22
N PHE B 48 24.32 7.87 -8.72
CA PHE B 48 23.17 8.72 -9.02
C PHE B 48 22.26 8.87 -7.81
N GLY B 49 22.86 8.88 -6.62
CA GLY B 49 22.10 9.04 -5.39
C GLY B 49 22.48 8.03 -4.33
N THR B 50 22.08 8.31 -3.08
CA THR B 50 22.27 7.37 -1.99
C THR B 50 20.93 7.10 -1.34
N VAL B 51 20.82 6.02 -0.57
CA VAL B 51 19.56 5.63 0.03
C VAL B 51 19.71 5.26 1.50
N TYR B 52 18.84 5.84 2.34
CA TYR B 52 18.88 5.58 3.78
C TYR B 52 17.53 5.10 4.31
N LYS B 53 17.56 4.48 5.48
CA LYS B 53 16.34 4.16 6.22
C LYS B 53 16.00 5.35 7.10
N GLY B 54 14.83 5.95 6.88
CA GLY B 54 14.46 7.15 7.59
C GLY B 54 13.20 7.05 8.43
N LYS B 55 12.87 8.13 9.12
CA LYS B 55 11.67 8.19 9.95
C LYS B 55 10.82 9.40 9.59
N TRP B 56 9.60 9.14 9.11
CA TRP B 56 8.66 10.19 8.76
C TRP B 56 7.25 9.63 8.83
N HIS B 57 6.58 9.86 9.95
CA HIS B 57 5.27 9.26 10.20
C HIS B 57 5.39 7.76 10.07
N GLY B 58 6.50 7.23 10.56
CA GLY B 58 6.81 5.82 10.47
C GLY B 58 8.07 5.57 9.65
N ASP B 59 8.36 4.32 9.38
CA ASP B 59 9.55 3.92 8.61
C ASP B 59 9.42 4.26 7.12
N VAL B 60 10.44 4.92 6.57
CA VAL B 60 10.45 5.25 5.14
C VAL B 60 11.83 5.03 4.53
N ALA B 61 11.87 4.95 3.20
CA ALA B 61 13.13 4.93 2.47
C ALA B 61 13.36 6.28 1.80
N VAL B 62 14.56 6.84 2.00
CA VAL B 62 14.91 8.14 1.43
C VAL B 62 16.01 7.99 0.39
N LYS B 63 15.74 8.40 -0.84
CA LYS B 63 16.77 8.41 -1.87
C LYS B 63 17.26 9.83 -2.12
N MET B 64 18.53 10.06 -1.82
CA MET B 64 19.08 11.39 -1.73
C MET B 64 20.19 11.60 -2.76
N LEU B 65 20.15 12.73 -3.45
CA LEU B 65 21.22 13.08 -4.37
C LEU B 65 22.45 13.56 -3.59
N ASN B 66 23.38 12.64 -3.38
CA ASN B 66 24.56 12.86 -2.53
C ASN B 66 25.41 14.11 -2.82
N VAL B 67 25.18 14.73 -3.98
CA VAL B 67 25.82 16.00 -4.30
C VAL B 67 25.35 17.08 -3.33
N THR B 68 26.02 18.22 -3.32
CA THR B 68 25.61 19.33 -2.47
C THR B 68 25.00 20.45 -3.30
N ALA B 69 25.18 20.38 -4.63
CA ALA B 69 24.61 21.36 -5.55
C ALA B 69 24.37 20.74 -6.93
N PRO B 70 23.09 20.55 -7.28
CA PRO B 70 22.64 19.82 -8.48
C PRO B 70 22.73 20.57 -9.81
N THR B 71 23.01 19.84 -10.88
CA THR B 71 23.06 20.38 -12.23
C THR B 71 21.69 20.27 -12.88
N PRO B 72 21.42 21.12 -13.90
CA PRO B 72 20.13 21.07 -14.60
C PRO B 72 19.85 19.73 -15.29
N GLN B 73 20.83 18.82 -15.29
CA GLN B 73 20.58 17.46 -15.78
C GLN B 73 19.99 16.63 -14.66
N GLN B 74 20.56 16.78 -13.46
CA GLN B 74 20.07 16.10 -12.28
C GLN B 74 18.72 16.66 -11.88
N LEU B 75 18.62 17.97 -11.81
CA LEU B 75 17.36 18.62 -11.50
C LEU B 75 16.28 18.16 -12.46
N GLN B 76 16.67 17.76 -13.66
CA GLN B 76 15.70 17.29 -14.63
C GLN B 76 15.34 15.82 -14.43
N ALA B 77 16.34 15.00 -14.13
CA ALA B 77 16.08 13.60 -13.81
C ALA B 77 15.11 13.54 -12.63
N PHE B 78 15.47 14.26 -11.58
CA PHE B 78 14.62 14.41 -10.40
C PHE B 78 13.17 14.64 -10.77
N LYS B 79 12.90 15.77 -11.40
CA LYS B 79 11.52 16.11 -11.77
C LYS B 79 10.89 15.05 -12.67
N ASN B 80 11.71 14.34 -13.44
CA ASN B 80 11.21 13.27 -14.31
C ASN B 80 10.71 12.08 -13.51
N GLU B 81 11.54 11.59 -12.60
CA GLU B 81 11.18 10.46 -11.74
C GLU B 81 9.92 10.76 -10.93
N VAL B 82 9.96 11.85 -10.17
CA VAL B 82 8.84 12.24 -9.34
C VAL B 82 7.55 12.31 -10.15
N GLY B 83 7.62 12.97 -11.30
CA GLY B 83 6.47 13.11 -12.17
C GLY B 83 5.91 11.77 -12.58
N VAL B 84 6.75 10.74 -12.55
CA VAL B 84 6.36 9.40 -12.94
C VAL B 84 5.79 8.63 -11.76
N LEU B 85 6.47 8.68 -10.63
CA LEU B 85 6.01 8.00 -9.43
C LEU B 85 4.63 8.50 -8.97
N ARG B 86 4.35 9.78 -9.18
CA ARG B 86 3.09 10.36 -8.71
C ARG B 86 1.90 9.94 -9.59
N LYS B 87 2.16 9.28 -10.71
CA LYS B 87 1.10 8.76 -11.55
C LYS B 87 0.63 7.42 -10.99
N THR B 88 1.35 6.92 -9.98
CA THR B 88 1.15 5.53 -9.55
C THR B 88 0.46 5.40 -8.18
N ARG B 89 -0.65 4.67 -8.19
CA ARG B 89 -1.34 4.26 -6.98
C ARG B 89 -1.83 2.85 -7.19
N HIS B 90 -0.96 1.89 -6.91
CA HIS B 90 -1.26 0.47 -7.09
C HIS B 90 -0.41 -0.27 -6.07
N VAL B 91 -0.95 -1.36 -5.54
CA VAL B 91 -0.34 -2.04 -4.42
C VAL B 91 0.92 -2.81 -4.82
N ASN B 92 1.02 -3.14 -6.09
CA ASN B 92 2.20 -3.86 -6.59
C ASN B 92 3.29 -2.92 -7.06
N ILE B 93 3.08 -1.62 -6.92
CA ILE B 93 4.11 -0.64 -7.18
C ILE B 93 4.54 0.02 -5.87
N LEU B 94 5.85 0.18 -5.70
CA LEU B 94 6.44 0.85 -4.56
C LEU B 94 5.77 2.20 -4.31
N LEU B 95 5.26 2.39 -3.10
CA LEU B 95 4.50 3.60 -2.77
C LEU B 95 5.35 4.86 -2.63
N PHE B 96 5.21 5.76 -3.59
CA PHE B 96 5.79 7.08 -3.49
C PHE B 96 5.07 7.82 -2.36
N MET B 97 5.80 8.62 -1.60
CA MET B 97 5.19 9.33 -0.46
C MET B 97 5.44 10.83 -0.48
N GLY B 98 6.47 11.26 -1.20
CA GLY B 98 6.78 12.68 -1.26
C GLY B 98 8.23 12.95 -1.60
N TYR B 99 8.56 14.24 -1.76
CA TYR B 99 9.91 14.65 -2.10
C TYR B 99 10.39 15.81 -1.25
N SER B 100 11.69 16.05 -1.28
CA SER B 100 12.29 17.18 -0.58
C SER B 100 13.12 17.96 -1.60
N THR B 101 13.22 19.27 -1.43
CA THR B 101 14.01 20.09 -2.34
C THR B 101 15.19 20.78 -1.63
N LYS B 102 15.09 20.89 -0.31
CA LYS B 102 16.16 21.51 0.47
C LYS B 102 16.31 20.86 1.83
N PRO B 103 17.57 20.64 2.25
CA PRO B 103 18.75 20.88 1.43
C PRO B 103 19.11 19.57 0.73
N GLN B 104 19.29 19.62 -0.58
CA GLN B 104 19.49 18.41 -1.40
C GLN B 104 18.16 17.88 -1.91
N LEU B 105 18.25 17.18 -3.04
CA LEU B 105 17.10 16.47 -3.57
C LEU B 105 16.88 15.19 -2.78
N ALA B 106 15.62 14.79 -2.64
CA ALA B 106 15.28 13.55 -1.97
C ALA B 106 13.94 13.06 -2.48
N ILE B 107 13.82 11.74 -2.58
CA ILE B 107 12.55 11.13 -2.92
C ILE B 107 12.22 10.10 -1.84
N VAL B 108 11.07 10.27 -1.21
CA VAL B 108 10.67 9.38 -0.12
C VAL B 108 9.65 8.35 -0.59
N THR B 109 9.90 7.09 -0.26
CA THR B 109 8.92 6.04 -0.55
C THR B 109 8.67 5.25 0.73
N GLN B 110 7.72 4.32 0.67
CA GLN B 110 7.47 3.44 1.81
C GLN B 110 8.70 2.59 2.10
N TRP B 111 8.90 2.24 3.37
CA TRP B 111 9.95 1.31 3.73
C TRP B 111 9.48 -0.11 3.43
N CYS B 112 10.40 -0.94 2.99
CA CYS B 112 10.06 -2.28 2.52
C CYS B 112 10.87 -3.34 3.24
N GLU B 113 10.20 -4.19 4.01
CA GLU B 113 10.89 -5.19 4.81
C GLU B 113 10.98 -6.54 4.09
N GLY B 114 12.22 -7.01 3.89
CA GLY B 114 12.45 -8.25 3.17
C GLY B 114 13.66 -8.14 2.27
N SER B 115 13.62 -8.83 1.13
CA SER B 115 14.69 -8.73 0.14
C SER B 115 14.17 -8.93 -1.29
N SER B 116 15.01 -8.61 -2.28
CA SER B 116 14.61 -8.68 -3.68
C SER B 116 14.34 -10.11 -4.15
N LEU B 117 13.63 -10.23 -5.27
CA LEU B 117 13.34 -11.54 -5.84
C LEU B 117 14.62 -12.21 -6.33
N TYR B 118 15.54 -11.40 -6.86
CA TYR B 118 16.85 -11.90 -7.23
C TYR B 118 17.46 -12.64 -6.03
N HIS B 119 17.79 -11.88 -5.00
CA HIS B 119 18.29 -12.40 -3.74
C HIS B 119 17.68 -13.74 -3.35
N HIS B 120 16.35 -13.81 -3.35
CA HIS B 120 15.66 -15.03 -2.95
C HIS B 120 16.01 -16.22 -3.83
N LEU B 121 15.85 -16.03 -5.13
CA LEU B 121 16.08 -17.08 -6.11
C LEU B 121 17.54 -17.48 -6.25
N HIS B 122 18.43 -16.48 -6.23
CA HIS B 122 19.80 -16.70 -6.69
C HIS B 122 20.87 -16.52 -5.63
N ILE B 123 20.49 -16.06 -4.44
CA ILE B 123 21.48 -15.89 -3.38
C ILE B 123 21.23 -16.81 -2.18
N ILE B 124 20.04 -16.71 -1.59
CA ILE B 124 19.72 -17.56 -0.44
C ILE B 124 18.91 -18.77 -0.87
N GLU B 125 18.88 -19.03 -2.18
CA GLU B 125 18.25 -20.22 -2.72
C GLU B 125 16.95 -20.57 -2.01
N THR B 126 16.13 -19.55 -1.72
CA THR B 126 14.82 -19.78 -1.14
C THR B 126 14.08 -20.72 -2.08
N LYS B 127 13.41 -21.72 -1.52
CA LYS B 127 12.66 -22.64 -2.35
C LYS B 127 11.15 -22.48 -2.15
N PHE B 128 10.51 -21.85 -3.14
CA PHE B 128 9.08 -21.58 -3.09
C PHE B 128 8.28 -22.75 -3.65
N GLU B 129 7.01 -22.83 -3.26
CA GLU B 129 6.08 -23.78 -3.84
C GLU B 129 5.58 -23.23 -5.15
N MET B 130 5.22 -24.11 -6.08
CA MET B 130 4.72 -23.67 -7.37
C MET B 130 3.63 -22.63 -7.18
N ILE B 131 2.69 -22.91 -6.29
CA ILE B 131 1.56 -22.01 -6.05
C ILE B 131 2.04 -20.60 -5.66
N LYS B 132 3.13 -20.54 -4.91
CA LYS B 132 3.69 -19.25 -4.51
C LYS B 132 4.37 -18.55 -5.68
N LEU B 133 5.19 -19.29 -6.42
CA LEU B 133 5.86 -18.75 -7.60
C LEU B 133 4.83 -18.16 -8.54
N ILE B 134 3.83 -18.97 -8.88
CA ILE B 134 2.74 -18.53 -9.75
C ILE B 134 2.07 -17.27 -9.21
N ASP B 135 2.01 -17.15 -7.89
CA ASP B 135 1.42 -15.98 -7.25
C ASP B 135 2.31 -14.77 -7.49
N ILE B 136 3.60 -14.93 -7.20
CA ILE B 136 4.58 -13.88 -7.45
C ILE B 136 4.56 -13.42 -8.90
N ALA B 137 4.37 -14.36 -9.82
CA ALA B 137 4.22 -14.03 -11.23
C ALA B 137 3.00 -13.15 -11.44
N ARG B 138 1.87 -13.57 -10.88
CA ARG B 138 0.61 -12.86 -11.02
C ARG B 138 0.70 -11.43 -10.50
N GLN B 139 1.31 -11.27 -9.33
CA GLN B 139 1.46 -9.96 -8.71
C GLN B 139 2.31 -9.03 -9.57
N THR B 140 3.33 -9.59 -10.22
CA THR B 140 4.19 -8.79 -11.07
C THR B 140 3.46 -8.42 -12.35
N ALA B 141 2.63 -9.34 -12.84
CA ALA B 141 1.83 -9.07 -14.03
C ALA B 141 0.85 -7.95 -13.75
N GLN B 142 0.40 -7.85 -12.51
CA GLN B 142 -0.54 -6.80 -12.12
C GLN B 142 0.11 -5.42 -12.16
N GLY B 143 1.29 -5.33 -11.55
CA GLY B 143 2.04 -4.08 -11.56
C GLY B 143 2.39 -3.62 -12.97
N MET B 144 2.91 -4.54 -13.78
CA MET B 144 3.31 -4.21 -15.14
C MET B 144 2.12 -3.79 -15.98
N ASP B 145 1.04 -4.56 -15.91
CA ASP B 145 -0.19 -4.20 -16.59
C ASP B 145 -0.64 -2.78 -16.21
N TYR B 146 -0.48 -2.44 -14.94
CA TYR B 146 -0.85 -1.13 -14.41
C TYR B 146 0.01 -0.01 -14.98
N LEU B 147 1.33 -0.17 -14.87
CA LEU B 147 2.26 0.80 -15.40
C LEU B 147 1.95 1.08 -16.86
N HIS B 148 1.81 0.02 -17.64
CA HIS B 148 1.53 0.15 -19.07
C HIS B 148 0.22 0.89 -19.35
N ALA B 149 -0.77 0.67 -18.50
CA ALA B 149 -2.05 1.35 -18.62
C ALA B 149 -1.91 2.87 -18.43
N LYS B 150 -0.92 3.27 -17.63
CA LYS B 150 -0.61 4.68 -17.43
C LYS B 150 0.40 5.13 -18.47
N SER B 151 0.65 4.30 -19.47
CA SER B 151 1.62 4.62 -20.52
C SER B 151 3.04 4.78 -19.98
N ILE B 152 3.38 3.98 -18.97
CA ILE B 152 4.73 3.97 -18.44
C ILE B 152 5.46 2.70 -18.88
N ILE B 153 6.58 2.88 -19.56
CA ILE B 153 7.44 1.75 -19.91
C ILE B 153 8.58 1.69 -18.90
N HIS B 154 8.81 0.52 -18.33
CA HIS B 154 9.76 0.38 -17.25
C HIS B 154 11.22 0.51 -17.70
N ARG B 155 11.52 -0.07 -18.86
CA ARG B 155 12.86 0.02 -19.46
C ARG B 155 13.96 -0.70 -18.69
N ASP B 156 13.62 -1.34 -17.56
CA ASP B 156 14.62 -2.07 -16.79
C ASP B 156 14.02 -3.03 -15.78
N LEU B 157 12.98 -3.75 -16.19
CA LEU B 157 12.42 -4.77 -15.31
C LEU B 157 13.42 -5.92 -15.17
N LYS B 158 13.52 -6.45 -13.97
CA LYS B 158 14.37 -7.59 -13.67
C LYS B 158 14.18 -7.99 -12.22
N SER B 159 14.56 -9.22 -11.88
CA SER B 159 14.26 -9.74 -10.54
C SER B 159 14.82 -8.87 -9.41
N ASN B 160 15.90 -8.13 -9.66
CA ASN B 160 16.45 -7.24 -8.65
C ASN B 160 15.50 -6.08 -8.34
N ASN B 161 14.67 -5.74 -9.32
CA ASN B 161 13.73 -4.63 -9.19
C ASN B 161 12.36 -5.09 -8.71
N ILE B 162 12.27 -6.36 -8.33
CA ILE B 162 11.05 -6.91 -7.76
C ILE B 162 11.25 -7.22 -6.28
N PHE B 163 10.68 -6.39 -5.42
CA PHE B 163 10.88 -6.57 -3.99
C PHE B 163 9.77 -7.38 -3.33
N LEU B 164 10.17 -8.40 -2.56
CA LEU B 164 9.22 -9.23 -1.83
C LEU B 164 9.00 -8.70 -0.42
N HIS B 165 7.97 -7.86 -0.30
CA HIS B 165 7.64 -7.16 0.93
C HIS B 165 7.06 -8.11 1.97
N GLU B 166 7.89 -8.48 2.96
CA GLU B 166 7.52 -9.46 3.99
C GLU B 166 7.42 -10.85 3.39
N ASP B 167 8.21 -11.09 2.35
CA ASP B 167 8.24 -12.37 1.66
C ASP B 167 6.84 -12.76 1.16
N LEU B 168 5.98 -11.75 1.03
CA LEU B 168 4.57 -11.95 0.77
C LEU B 168 4.09 -11.18 -0.47
N THR B 169 4.10 -9.85 -0.40
CA THR B 169 3.54 -8.99 -1.44
C THR B 169 4.61 -8.39 -2.36
N VAL B 170 4.34 -8.40 -3.67
CA VAL B 170 5.28 -7.89 -4.67
C VAL B 170 5.22 -6.37 -4.86
N LYS B 171 6.36 -5.71 -4.68
CA LYS B 171 6.50 -4.30 -5.01
C LYS B 171 7.47 -4.15 -6.17
N ILE B 172 7.04 -3.51 -7.25
CA ILE B 172 7.94 -3.21 -8.36
C ILE B 172 8.56 -1.84 -8.19
N GLY B 173 9.88 -1.78 -8.26
CA GLY B 173 10.59 -0.51 -8.15
C GLY B 173 11.67 -0.37 -9.20
N ASP B 174 12.44 0.71 -9.12
CA ASP B 174 13.61 0.89 -9.95
C ASP B 174 14.76 1.28 -9.04
N PHE B 175 15.53 0.28 -8.60
CA PHE B 175 16.55 0.51 -7.59
C PHE B 175 17.93 0.73 -8.19
N GLY B 176 17.95 1.09 -9.47
CA GLY B 176 19.18 1.43 -10.14
C GLY B 176 19.76 2.73 -9.63
N LEU B 177 20.90 2.63 -8.96
CA LEU B 177 21.54 3.80 -8.36
C LEU B 177 22.62 4.38 -9.28
N ALA B 178 22.58 4.00 -10.55
CA ALA B 178 23.50 4.53 -11.55
C ALA B 178 22.84 4.60 -12.91
N GLY B 195 23.53 -2.28 -18.11
CA GLY B 195 24.35 -3.16 -17.31
C GLY B 195 23.69 -4.49 -16.98
N SER B 196 22.39 -4.59 -17.26
CA SER B 196 21.63 -5.81 -16.99
C SER B 196 21.11 -6.50 -18.26
N ILE B 197 22.04 -7.19 -18.92
CA ILE B 197 21.87 -7.83 -20.21
C ILE B 197 20.82 -8.94 -20.25
N LEU B 198 20.79 -9.77 -19.21
CA LEU B 198 19.99 -10.98 -19.21
C LEU B 198 18.50 -10.75 -19.48
N TRP B 199 18.03 -9.51 -19.30
CA TRP B 199 16.61 -9.22 -19.45
C TRP B 199 16.27 -8.44 -20.71
N MET B 200 17.30 -8.06 -21.48
CA MET B 200 17.09 -7.23 -22.66
C MET B 200 16.61 -8.03 -23.87
N ALA B 201 15.45 -7.66 -24.39
CA ALA B 201 14.97 -8.23 -25.64
C ALA B 201 16.01 -8.04 -26.73
N PRO B 202 16.04 -8.95 -27.71
CA PRO B 202 16.97 -8.90 -28.85
C PRO B 202 17.05 -7.52 -29.51
N GLU B 203 15.92 -6.87 -29.70
CA GLU B 203 15.92 -5.59 -30.41
C GLU B 203 16.47 -4.47 -29.54
N VAL B 204 16.44 -4.66 -28.23
CA VAL B 204 17.02 -3.71 -27.30
C VAL B 204 18.53 -3.85 -27.30
N ILE B 205 19.00 -5.10 -27.43
CA ILE B 205 20.44 -5.36 -27.49
C ILE B 205 21.00 -4.89 -28.82
N ARG B 206 20.36 -5.31 -29.91
CA ARG B 206 20.70 -4.73 -31.21
C ARG B 206 20.59 -3.21 -31.13
N MET B 207 19.53 -2.73 -30.50
CA MET B 207 19.39 -1.30 -30.23
C MET B 207 19.48 -0.50 -31.52
N GLN B 208 18.66 -0.85 -32.50
CA GLN B 208 18.52 -0.05 -33.72
C GLN B 208 17.71 1.20 -33.37
N ASP B 209 18.11 2.34 -33.92
CA ASP B 209 17.38 3.58 -33.68
C ASP B 209 17.64 4.20 -32.31
N LYS B 210 17.07 5.39 -32.11
CA LYS B 210 17.14 6.07 -30.84
C LYS B 210 16.40 5.26 -29.77
N ASN B 211 15.21 4.78 -30.11
CA ASN B 211 14.39 4.07 -29.14
C ASN B 211 13.80 2.75 -29.61
N PRO B 212 14.32 1.64 -29.06
CA PRO B 212 13.88 0.27 -29.30
C PRO B 212 13.10 -0.27 -28.11
N TYR B 213 12.64 0.63 -27.23
CA TYR B 213 11.89 0.24 -26.05
C TYR B 213 10.39 0.30 -26.31
N SER B 214 9.66 -0.63 -25.69
CA SER B 214 8.22 -0.74 -25.92
C SER B 214 7.60 -1.59 -24.82
N PHE B 215 6.28 -1.61 -24.77
CA PHE B 215 5.59 -2.49 -23.85
C PHE B 215 6.14 -3.89 -24.07
N GLN B 216 6.34 -4.25 -25.34
CA GLN B 216 6.88 -5.55 -25.71
C GLN B 216 8.31 -5.80 -25.21
N SER B 217 9.10 -4.74 -25.07
CA SER B 217 10.45 -4.90 -24.54
C SER B 217 10.36 -5.31 -23.08
N ASP B 218 9.36 -4.76 -22.39
CA ASP B 218 9.09 -5.10 -21.00
C ASP B 218 8.53 -6.51 -20.88
N VAL B 219 7.58 -6.84 -21.75
CA VAL B 219 7.05 -8.20 -21.79
C VAL B 219 8.17 -9.22 -21.93
N TYR B 220 9.19 -8.89 -22.70
CA TYR B 220 10.31 -9.80 -22.86
C TYR B 220 11.00 -10.00 -21.51
N ALA B 221 11.27 -8.90 -20.82
CA ALA B 221 11.92 -8.96 -19.53
C ALA B 221 11.12 -9.81 -18.56
N PHE B 222 9.80 -9.66 -18.61
CA PHE B 222 8.91 -10.43 -17.76
C PHE B 222 9.10 -11.92 -18.03
N GLY B 223 9.25 -12.26 -19.31
CA GLY B 223 9.48 -13.64 -19.71
C GLY B 223 10.70 -14.21 -19.04
N ILE B 224 11.76 -13.43 -18.94
CA ILE B 224 12.96 -13.89 -18.25
C ILE B 224 12.65 -14.12 -16.78
N VAL B 225 12.02 -13.15 -16.14
CA VAL B 225 11.60 -13.32 -14.76
C VAL B 225 10.86 -14.65 -14.58
N LEU B 226 9.88 -14.91 -15.45
CA LEU B 226 9.17 -16.18 -15.44
C LEU B 226 10.15 -17.34 -15.49
N TYR B 227 11.10 -17.24 -16.40
CA TYR B 227 12.14 -18.26 -16.52
C TYR B 227 12.85 -18.44 -15.17
N GLU B 228 13.38 -17.35 -14.62
CA GLU B 228 13.97 -17.35 -13.29
C GLU B 228 13.11 -18.08 -12.25
N LEU B 229 11.82 -17.79 -12.27
CA LEU B 229 10.92 -18.38 -11.28
C LEU B 229 10.87 -19.89 -11.43
N MET B 230 10.62 -20.36 -12.64
CA MET B 230 10.43 -21.79 -12.88
C MET B 230 11.73 -22.60 -12.92
N THR B 231 12.87 -21.92 -12.82
CA THR B 231 14.14 -22.61 -12.88
C THR B 231 14.99 -22.39 -11.63
N GLY B 232 14.84 -21.22 -11.02
CA GLY B 232 15.65 -20.83 -9.88
C GLY B 232 17.02 -20.43 -10.37
N GLN B 233 17.14 -20.30 -11.69
CA GLN B 233 18.41 -20.00 -12.32
C GLN B 233 18.37 -18.77 -13.20
N LEU B 234 19.55 -18.20 -13.44
CA LEU B 234 19.73 -17.14 -14.42
C LEU B 234 20.03 -17.79 -15.76
N PRO B 235 19.52 -17.22 -16.85
CA PRO B 235 19.76 -17.84 -18.16
C PRO B 235 21.22 -17.76 -18.60
N TYR B 236 21.62 -18.69 -19.46
CA TYR B 236 22.96 -18.71 -20.04
C TYR B 236 24.06 -18.92 -19.01
N SER B 237 23.76 -19.71 -17.99
CA SER B 237 24.70 -19.96 -16.90
C SER B 237 26.01 -20.61 -17.38
N ASN B 238 25.94 -21.30 -18.52
CA ASN B 238 27.10 -22.05 -19.02
C ASN B 238 27.92 -21.31 -20.07
N ILE B 239 27.68 -20.01 -20.17
CA ILE B 239 28.49 -19.13 -21.01
C ILE B 239 29.13 -18.09 -20.11
N ASN B 240 30.46 -17.99 -20.17
CA ASN B 240 31.20 -17.12 -19.25
C ASN B 240 31.64 -15.80 -19.88
N ASN B 241 31.20 -15.56 -21.12
CA ASN B 241 31.63 -14.39 -21.88
C ASN B 241 30.48 -13.40 -22.08
N ARG B 242 30.58 -12.23 -21.46
CA ARG B 242 29.51 -11.26 -21.52
C ARG B 242 29.27 -10.79 -22.96
N ASP B 243 30.34 -10.46 -23.67
CA ASP B 243 30.22 -9.97 -25.04
C ASP B 243 29.53 -10.98 -25.97
N GLN B 244 29.92 -12.25 -25.86
CA GLN B 244 29.31 -13.30 -26.67
C GLN B 244 27.81 -13.42 -26.42
N ILE B 245 27.40 -13.33 -25.17
CA ILE B 245 25.98 -13.37 -24.85
C ILE B 245 25.27 -12.23 -25.54
N ILE B 246 25.79 -11.02 -25.37
CA ILE B 246 25.22 -9.84 -25.99
C ILE B 246 25.05 -10.04 -27.49
N PHE B 247 26.14 -10.43 -28.16
CA PHE B 247 26.10 -10.67 -29.59
C PHE B 247 25.04 -11.70 -29.98
N MET B 248 25.01 -12.82 -29.27
CA MET B 248 24.18 -13.94 -29.69
C MET B 248 22.68 -13.75 -29.50
N VAL B 249 22.27 -13.27 -28.33
CA VAL B 249 20.85 -12.98 -28.11
C VAL B 249 20.41 -11.96 -29.14
N GLY B 250 21.32 -11.02 -29.44
CA GLY B 250 21.06 -10.01 -30.45
C GLY B 250 20.74 -10.56 -31.84
N ARG B 251 21.22 -11.76 -32.14
CA ARG B 251 21.01 -12.33 -33.48
C ARG B 251 19.99 -13.48 -33.47
N GLY B 252 19.53 -13.84 -32.29
CA GLY B 252 18.58 -14.93 -32.17
C GLY B 252 19.26 -16.29 -32.24
N TYR B 253 20.57 -16.29 -32.05
CA TYR B 253 21.33 -17.53 -32.05
C TYR B 253 21.23 -18.18 -30.67
N LEU B 254 21.02 -17.35 -29.66
CA LEU B 254 20.89 -17.82 -28.27
C LEU B 254 19.53 -17.40 -27.72
N SER B 255 19.00 -18.24 -26.83
CA SER B 255 17.75 -17.97 -26.14
C SER B 255 17.69 -18.91 -24.95
N PRO B 256 16.89 -18.57 -23.92
CA PRO B 256 16.95 -19.37 -22.69
C PRO B 256 16.54 -20.81 -22.96
N ASP B 257 17.10 -21.74 -22.18
CA ASP B 257 16.80 -23.15 -22.33
C ASP B 257 15.52 -23.50 -21.58
N LEU B 258 14.40 -23.57 -22.32
CA LEU B 258 13.11 -23.77 -21.68
C LEU B 258 12.95 -25.13 -21.02
N SER B 259 13.64 -26.14 -21.54
CA SER B 259 13.53 -27.49 -21.00
C SER B 259 14.08 -27.59 -19.58
N LYS B 260 14.48 -26.46 -19.00
CA LYS B 260 15.04 -26.46 -17.65
C LYS B 260 13.98 -26.14 -16.60
N VAL B 261 12.74 -26.00 -17.03
CA VAL B 261 11.66 -25.68 -16.11
C VAL B 261 11.25 -26.92 -15.32
N ARG B 262 11.12 -26.76 -14.00
CA ARG B 262 10.76 -27.86 -13.12
C ARG B 262 9.41 -28.48 -13.52
N SER B 263 9.31 -29.79 -13.36
CA SER B 263 8.18 -30.57 -13.86
C SER B 263 6.79 -30.14 -13.34
N ASN B 264 6.75 -29.61 -12.13
CA ASN B 264 5.49 -29.16 -11.54
C ASN B 264 4.96 -27.87 -12.15
N CYS B 265 5.65 -27.38 -13.18
CA CYS B 265 5.27 -26.15 -13.86
C CYS B 265 4.20 -26.37 -14.93
N PRO B 266 2.98 -25.86 -14.70
CA PRO B 266 1.81 -26.03 -15.55
C PRO B 266 2.08 -25.77 -17.04
N LYS B 267 1.64 -26.68 -17.90
CA LYS B 267 1.87 -26.56 -19.34
C LYS B 267 1.58 -25.16 -19.87
N ALA B 268 0.55 -24.53 -19.32
CA ALA B 268 0.12 -23.23 -19.80
C ALA B 268 1.08 -22.10 -19.38
N MET B 269 1.81 -22.33 -18.31
CA MET B 269 2.81 -21.37 -17.87
C MET B 269 4.02 -21.42 -18.80
N LYS B 270 4.47 -22.61 -19.15
CA LYS B 270 5.62 -22.77 -20.04
C LYS B 270 5.27 -22.25 -21.43
N ARG B 271 4.03 -22.44 -21.83
CA ARG B 271 3.54 -21.91 -23.09
C ARG B 271 3.53 -20.39 -23.07
N LEU B 272 3.03 -19.82 -21.96
CA LEU B 272 2.97 -18.38 -21.78
C LEU B 272 4.37 -17.78 -21.72
N MET B 273 5.27 -18.46 -21.02
CA MET B 273 6.65 -18.04 -20.92
C MET B 273 7.32 -17.95 -22.30
N ALA B 274 7.06 -18.94 -23.14
CA ALA B 274 7.70 -19.00 -24.44
C ALA B 274 7.22 -17.90 -25.37
N GLU B 275 6.00 -17.42 -25.13
CA GLU B 275 5.42 -16.35 -25.94
C GLU B 275 5.97 -14.98 -25.56
N CYS B 276 6.35 -14.83 -24.30
CA CYS B 276 6.90 -13.56 -23.83
C CYS B 276 8.33 -13.41 -24.30
N LEU B 277 8.97 -14.54 -24.58
CA LEU B 277 10.37 -14.54 -24.98
C LEU B 277 10.54 -14.54 -26.50
N LYS B 278 9.43 -14.55 -27.24
CA LYS B 278 9.48 -14.50 -28.69
C LYS B 278 10.53 -13.51 -29.14
N LYS B 279 11.33 -13.89 -30.13
CA LYS B 279 12.43 -13.06 -30.62
C LYS B 279 11.93 -11.86 -31.41
N LYS B 280 10.72 -11.97 -31.96
CA LYS B 280 10.12 -10.88 -32.73
C LYS B 280 9.13 -10.06 -31.92
N ARG B 281 9.52 -8.83 -31.60
CA ARG B 281 8.68 -7.93 -30.80
C ARG B 281 7.18 -8.07 -31.09
N ASP B 282 6.82 -8.03 -32.36
CA ASP B 282 5.42 -8.01 -32.76
C ASP B 282 4.67 -9.29 -32.41
N GLU B 283 5.38 -10.37 -32.15
CA GLU B 283 4.74 -11.65 -31.85
C GLU B 283 4.47 -11.83 -30.35
N ARG B 284 4.91 -10.88 -29.55
CA ARG B 284 4.75 -10.99 -28.11
C ARG B 284 3.41 -10.43 -27.65
N PRO B 285 2.77 -11.09 -26.66
CA PRO B 285 1.48 -10.66 -26.13
C PRO B 285 1.68 -9.45 -25.25
N LEU B 286 0.60 -8.75 -24.96
CA LEU B 286 0.65 -7.63 -24.04
C LEU B 286 0.09 -8.02 -22.68
N PHE B 287 0.25 -7.14 -21.69
CA PHE B 287 -0.03 -7.52 -20.31
C PHE B 287 -1.48 -7.83 -19.97
N PRO B 288 -2.43 -7.06 -20.51
CA PRO B 288 -3.82 -7.49 -20.34
C PRO B 288 -3.99 -8.99 -20.64
N GLN B 289 -3.47 -9.45 -21.76
CA GLN B 289 -3.62 -10.85 -22.15
C GLN B 289 -2.82 -11.77 -21.24
N ILE B 290 -1.60 -11.34 -20.91
CA ILE B 290 -0.72 -12.09 -20.02
C ILE B 290 -1.35 -12.30 -18.64
N LEU B 291 -1.82 -11.21 -18.04
CA LEU B 291 -2.42 -11.27 -16.71
C LEU B 291 -3.63 -12.20 -16.69
N ALA B 292 -4.53 -12.03 -17.66
CA ALA B 292 -5.69 -12.90 -17.76
C ALA B 292 -5.23 -14.35 -17.81
N SER B 293 -4.39 -14.64 -18.79
CA SER B 293 -3.80 -15.96 -18.95
C SER B 293 -3.29 -16.56 -17.64
N ILE B 294 -2.65 -15.75 -16.81
CA ILE B 294 -2.12 -16.23 -15.54
C ILE B 294 -3.22 -16.39 -14.49
N GLU B 295 -4.16 -15.44 -14.48
CA GLU B 295 -5.32 -15.56 -13.61
C GLU B 295 -6.04 -16.87 -13.86
N LEU B 296 -6.14 -17.25 -15.13
CA LEU B 296 -6.86 -18.45 -15.54
C LEU B 296 -6.20 -19.74 -15.07
N LEU B 297 -4.87 -19.78 -15.10
CA LEU B 297 -4.16 -21.00 -14.72
C LEU B 297 -3.93 -21.04 -13.22
N ALA B 298 -4.14 -19.91 -12.56
CA ALA B 298 -3.97 -19.82 -11.11
C ALA B 298 -5.15 -20.44 -10.40
N ARG B 299 -6.32 -20.37 -11.03
CA ARG B 299 -7.54 -20.97 -10.47
C ARG B 299 -7.46 -22.49 -10.55
N SER B 300 -7.48 -23.02 -11.76
CA SER B 300 -7.48 -24.46 -11.97
C SER B 300 -6.13 -25.10 -11.69
N LEU B 301 -5.53 -24.75 -10.56
CA LEU B 301 -4.27 -25.37 -10.14
C LEU B 301 -4.51 -26.31 -8.96
#